data_7N6M
#
_entry.id   7N6M
#
_cell.length_a   37.710
_cell.length_b   95.510
_cell.length_c   117.220
_cell.angle_alpha   90.000
_cell.angle_beta   90.000
_cell.angle_gamma   90.000
#
_symmetry.space_group_name_H-M   'I 2 2 2'
#
loop_
_entity.id
_entity.type
_entity.pdbx_description
1 polymer 'Chaperone protein DnaK'
2 polymer 'Alkaline phosphatase peptide'
3 non-polymer 'SULFATE ION'
4 water water
#
loop_
_entity_poly.entity_id
_entity_poly.type
_entity_poly.pdbx_seq_one_letter_code
_entity_poly.pdbx_strand_id
1 'polypeptide(L)'
;VLLLDVTPLSLGIETMGGVMTTLIAKNTTIPTKHSQVFSTAEDNQSAVTIHVLQGERKRAADNKSLGQFNLDGINPAPRG
MPQIEVTFDIDADGILHVSAKDKNSGKEQKITIKASSGLNEDEIQKMVRDAEANAEADRKFEELVQTRNQGDHLLHSTRK
QVEEAGDKLPADDKTAIESALTALETALKGEDKAAIEAKMQELAQVSQKLMEIAQQQHA
;
A
2 'polypeptide(L)' RQKPLLGLSR B
#
# COMPACT_ATOMS: atom_id res chain seq x y z
N VAL A 1 19.30 -30.00 -15.29
CA VAL A 1 19.40 -29.99 -13.82
C VAL A 1 18.35 -30.97 -13.28
N LEU A 2 18.59 -31.54 -12.10
CA LEU A 2 17.66 -32.46 -11.40
C LEU A 2 17.00 -31.68 -10.25
N LEU A 3 17.46 -30.44 -10.06
CA LEU A 3 17.18 -29.61 -8.86
C LEU A 3 16.97 -28.16 -9.31
N LEU A 4 16.07 -27.45 -8.64
CA LEU A 4 15.93 -25.97 -8.70
C LEU A 4 15.80 -25.44 -7.28
N ASP A 5 16.60 -24.43 -6.94
CA ASP A 5 16.35 -23.53 -5.79
C ASP A 5 15.22 -22.57 -6.19
N VAL A 6 14.08 -22.62 -5.51
CA VAL A 6 12.91 -21.74 -5.79
C VAL A 6 12.44 -21.20 -4.46
N THR A 7 11.72 -20.07 -4.52
CA THR A 7 11.02 -19.49 -3.36
C THR A 7 9.75 -20.28 -3.15
N PRO A 8 9.51 -20.83 -1.94
CA PRO A 8 8.29 -21.57 -1.69
C PRO A 8 7.08 -20.66 -1.48
N LEU A 9 7.31 -19.39 -1.13
CA LEU A 9 6.22 -18.41 -0.82
C LEU A 9 6.56 -17.06 -1.41
N SER A 10 5.54 -16.25 -1.63
CA SER A 10 5.67 -14.84 -2.05
C SER A 10 6.47 -14.07 -0.99
N LEU A 11 7.32 -13.16 -1.47
CA LEU A 11 8.07 -12.15 -0.65
C LEU A 11 7.64 -10.74 -1.06
N GLY A 12 7.32 -9.88 -0.11
CA GLY A 12 6.97 -8.49 -0.44
C GLY A 12 6.97 -7.58 0.75
N ILE A 13 6.22 -6.49 0.68
CA ILE A 13 6.13 -5.51 1.80
C ILE A 13 4.68 -5.16 2.11
N GLU A 14 4.46 -4.58 3.28
CA GLU A 14 3.14 -4.01 3.62
C GLU A 14 2.99 -2.68 2.93
N THR A 15 1.87 -2.48 2.24
CA THR A 15 1.45 -1.18 1.66
C THR A 15 0.19 -0.72 2.39
N MET A 16 -0.23 0.51 2.11
CA MET A 16 -1.34 1.23 2.78
C MET A 16 -2.64 0.40 2.77
N GLY A 17 -3.27 0.29 3.95
CA GLY A 17 -4.44 -0.59 4.17
C GLY A 17 -4.06 -1.90 4.83
N GLY A 18 -2.77 -2.12 5.12
CA GLY A 18 -2.25 -3.39 5.65
C GLY A 18 -2.39 -4.53 4.63
N VAL A 19 -2.05 -4.27 3.36
CA VAL A 19 -1.99 -5.31 2.31
C VAL A 19 -0.54 -5.66 2.02
N MET A 20 -0.32 -6.91 1.63
CA MET A 20 0.99 -7.39 1.16
C MET A 20 1.05 -7.04 -0.31
N THR A 21 2.08 -6.31 -0.71
CA THR A 21 2.44 -6.15 -2.12
C THR A 21 3.64 -7.05 -2.37
N THR A 22 3.52 -7.94 -3.36
CA THR A 22 4.53 -8.98 -3.69
C THR A 22 5.57 -8.32 -4.59
N LEU A 23 6.84 -8.53 -4.29
CA LEU A 23 7.98 -8.11 -5.15
C LEU A 23 8.55 -9.33 -5.84
N ILE A 24 8.59 -10.48 -5.17
CA ILE A 24 9.09 -11.75 -5.73
C ILE A 24 8.01 -12.82 -5.54
N ALA A 25 7.46 -13.33 -6.65
CA ALA A 25 6.37 -14.31 -6.67
C ALA A 25 6.86 -15.68 -6.19
N LYS A 26 5.95 -16.41 -5.55
CA LYS A 26 6.04 -17.86 -5.24
C LYS A 26 6.65 -18.62 -6.42
N ASN A 27 7.51 -19.59 -6.10
CA ASN A 27 8.14 -20.52 -7.06
C ASN A 27 9.00 -19.75 -8.05
N THR A 28 9.71 -18.71 -7.58
CA THR A 28 10.72 -18.00 -8.41
C THR A 28 12.05 -18.71 -8.16
N THR A 29 12.78 -18.95 -9.24
CA THR A 29 14.14 -19.52 -9.26
C THR A 29 15.11 -18.45 -8.76
N ILE A 30 16.00 -18.80 -7.83
CA ILE A 30 17.10 -17.90 -7.34
C ILE A 30 18.35 -18.23 -8.15
N PRO A 31 19.30 -17.28 -8.33
CA PRO A 31 19.18 -15.92 -7.82
C PRO A 31 18.19 -15.06 -8.61
N THR A 32 17.73 -13.95 -8.03
CA THR A 32 16.67 -13.08 -8.60
C THR A 32 16.73 -11.71 -7.92
N LYS A 33 16.42 -10.66 -8.67
CA LYS A 33 16.30 -9.24 -8.22
C LYS A 33 15.08 -8.61 -8.88
N HIS A 34 14.17 -8.06 -8.09
CA HIS A 34 13.01 -7.26 -8.57
C HIS A 34 12.97 -5.94 -7.82
N SER A 35 12.54 -4.87 -8.47
CA SER A 35 12.29 -3.58 -7.79
C SER A 35 10.94 -2.98 -8.19
N GLN A 36 10.38 -2.21 -7.29
CA GLN A 36 9.14 -1.46 -7.55
C GLN A 36 9.27 -0.12 -6.85
N VAL A 37 8.73 0.92 -7.46
CA VAL A 37 8.77 2.28 -6.90
C VAL A 37 7.47 2.50 -6.15
N PHE A 38 7.58 2.92 -4.89
CA PHE A 38 6.46 3.25 -3.99
C PHE A 38 6.54 4.73 -3.65
N SER A 39 5.50 5.27 -3.01
CA SER A 39 5.47 6.68 -2.57
C SER A 39 4.91 6.77 -1.15
N THR A 40 4.71 8.00 -0.66
CA THR A 40 4.28 8.29 0.73
C THR A 40 2.76 8.23 0.78
N ALA A 41 2.20 7.88 1.95
CA ALA A 41 0.73 7.82 2.18
C ALA A 41 0.17 9.21 2.52
N GLU A 42 0.98 10.10 3.13
CA GLU A 42 0.52 11.40 3.69
C GLU A 42 1.39 12.55 3.21
N ASP A 43 0.82 13.76 3.17
CA ASP A 43 1.52 15.04 2.89
C ASP A 43 2.65 15.21 3.90
N ASN A 44 3.84 15.59 3.42
CA ASN A 44 4.97 16.03 4.28
C ASN A 44 5.51 14.86 5.12
N GLN A 45 5.17 13.62 4.77
CA GLN A 45 5.74 12.39 5.40
C GLN A 45 7.26 12.44 5.30
N SER A 46 7.97 12.25 6.41
CA SER A 46 9.45 12.34 6.49
C SER A 46 10.10 10.96 6.40
N ALA A 47 9.31 9.88 6.46
CA ALA A 47 9.88 8.50 6.52
C ALA A 47 8.83 7.45 6.13
N VAL A 48 9.34 6.31 5.65
CA VAL A 48 8.58 5.07 5.34
C VAL A 48 9.12 3.96 6.21
N THR A 49 8.19 3.12 6.67
CA THR A 49 8.48 1.79 7.27
C THR A 49 8.39 0.73 6.17
N ILE A 50 9.48 0.01 5.95
CA ILE A 50 9.55 -1.17 5.05
C ILE A 50 9.32 -2.41 5.92
N HIS A 51 8.12 -2.99 5.87
CA HIS A 51 7.78 -4.24 6.60
C HIS A 51 7.84 -5.40 5.60
N VAL A 52 8.86 -6.24 5.71
CA VAL A 52 9.13 -7.39 4.78
C VAL A 52 8.26 -8.58 5.20
N LEU A 53 7.59 -9.19 4.20
CA LEU A 53 6.54 -10.22 4.43
C LEU A 53 6.83 -11.44 3.56
N GLN A 54 6.56 -12.61 4.12
CA GLN A 54 6.59 -13.91 3.42
C GLN A 54 5.22 -14.56 3.56
N GLY A 55 4.58 -14.88 2.45
CA GLY A 55 3.32 -15.65 2.47
C GLY A 55 2.45 -15.34 1.27
N GLU A 56 1.23 -15.86 1.30
CA GLU A 56 0.30 -15.83 0.13
C GLU A 56 -0.99 -15.11 0.52
N ARG A 57 -1.08 -14.56 1.73
CA ARG A 57 -2.32 -13.91 2.24
C ARG A 57 -2.31 -12.45 1.79
N LYS A 58 -3.48 -11.87 1.56
CA LYS A 58 -3.62 -10.45 1.13
C LYS A 58 -3.41 -9.54 2.34
N ARG A 59 -3.95 -9.94 3.49
CA ARG A 59 -3.77 -9.19 4.76
C ARG A 59 -2.29 -9.31 5.16
N ALA A 60 -1.62 -8.18 5.33
CA ALA A 60 -0.20 -8.12 5.76
C ALA A 60 -0.06 -8.94 7.05
N ALA A 61 -1.00 -8.77 8.00
CA ALA A 61 -0.98 -9.40 9.34
C ALA A 61 -0.98 -10.94 9.27
N ASP A 62 -1.46 -11.53 8.16
CA ASP A 62 -1.65 -13.01 8.04
C ASP A 62 -0.41 -13.68 7.44
N ASN A 63 0.64 -12.92 7.11
CA ASN A 63 1.89 -13.43 6.51
C ASN A 63 2.99 -13.42 7.56
N LYS A 64 4.12 -14.07 7.26
CA LYS A 64 5.28 -14.11 8.17
C LYS A 64 6.08 -12.80 8.00
N SER A 65 6.30 -12.10 9.11
CA SER A 65 7.18 -10.92 9.17
C SER A 65 8.64 -11.37 9.10
N LEU A 66 9.40 -10.86 8.14
CA LEU A 66 10.85 -11.17 8.03
C LEU A 66 11.67 -10.06 8.71
N GLY A 67 11.02 -8.99 9.16
CA GLY A 67 11.67 -7.79 9.73
C GLY A 67 11.06 -6.52 9.19
N GLN A 68 11.42 -5.38 9.79
CA GLN A 68 11.16 -4.05 9.21
C GLN A 68 12.31 -3.11 9.52
N PHE A 69 12.32 -1.96 8.85
CA PHE A 69 13.34 -0.90 8.92
C PHE A 69 12.74 0.35 8.30
N ASN A 70 13.22 1.52 8.73
CA ASN A 70 12.70 2.85 8.27
C ASN A 70 13.66 3.43 7.24
N LEU A 71 13.15 4.26 6.32
CA LEU A 71 14.00 5.20 5.54
C LEU A 71 13.50 6.60 5.90
N ASP A 72 14.32 7.37 6.64
CA ASP A 72 14.05 8.76 7.11
C ASP A 72 14.56 9.73 6.04
N GLY A 73 14.43 11.03 6.29
CA GLY A 73 15.11 12.08 5.49
C GLY A 73 14.39 12.35 4.20
N ILE A 74 13.12 11.96 4.09
CA ILE A 74 12.29 12.27 2.91
C ILE A 74 11.92 13.76 2.99
N ASN A 75 12.13 14.52 1.93
CA ASN A 75 11.96 15.99 1.96
C ASN A 75 10.48 16.32 1.85
N PRO A 76 10.03 17.43 2.46
CA PRO A 76 8.61 17.77 2.47
C PRO A 76 8.02 17.76 1.06
N ALA A 77 6.88 17.08 0.88
CA ALA A 77 6.24 16.89 -0.44
C ALA A 77 4.78 16.51 -0.27
N PRO A 78 3.93 16.73 -1.30
CA PRO A 78 2.57 16.21 -1.29
C PRO A 78 2.69 14.67 -1.26
N ARG A 79 1.76 14.00 -0.60
CA ARG A 79 1.69 12.52 -0.64
C ARG A 79 1.72 12.08 -2.11
N GLY A 80 2.36 10.95 -2.38
CA GLY A 80 2.31 10.33 -3.72
C GLY A 80 3.38 10.88 -4.65
N MET A 81 4.19 11.84 -4.21
CA MET A 81 5.19 12.49 -5.09
C MET A 81 6.57 11.90 -4.87
N PRO A 82 7.03 11.65 -3.62
CA PRO A 82 8.33 11.05 -3.43
C PRO A 82 8.40 9.69 -4.14
N GLN A 83 9.56 9.34 -4.70
CA GLN A 83 9.83 8.04 -5.35
C GLN A 83 10.78 7.23 -4.47
N ILE A 84 10.23 6.21 -3.82
CA ILE A 84 10.94 5.29 -2.90
C ILE A 84 11.04 3.96 -3.64
N GLU A 85 12.21 3.69 -4.23
CA GLU A 85 12.47 2.42 -4.94
C GLU A 85 12.83 1.33 -3.93
N VAL A 86 12.06 0.25 -3.93
CA VAL A 86 12.28 -0.94 -3.08
C VAL A 86 12.82 -2.05 -3.96
N THR A 87 13.95 -2.64 -3.59
CA THR A 87 14.60 -3.77 -4.30
C THR A 87 14.69 -4.96 -3.37
N PHE A 88 14.18 -6.12 -3.81
CA PHE A 88 14.40 -7.46 -3.22
C PHE A 88 15.41 -8.19 -4.11
N ASP A 89 16.56 -8.56 -3.54
CA ASP A 89 17.67 -9.26 -4.22
C ASP A 89 17.99 -10.53 -3.41
N ILE A 90 17.71 -11.71 -3.99
CA ILE A 90 18.11 -13.04 -3.46
C ILE A 90 19.31 -13.55 -4.26
N ASP A 91 20.46 -13.72 -3.60
CA ASP A 91 21.73 -14.18 -4.21
C ASP A 91 21.71 -15.71 -4.35
N ALA A 92 22.72 -16.27 -5.00
CA ALA A 92 22.97 -17.73 -5.17
C ALA A 92 22.87 -18.46 -3.82
N ASP A 93 23.33 -17.85 -2.72
CA ASP A 93 23.34 -18.43 -1.36
C ASP A 93 21.95 -18.36 -0.71
N GLY A 94 20.96 -17.73 -1.35
CA GLY A 94 19.59 -17.66 -0.83
C GLY A 94 19.41 -16.58 0.24
N ILE A 95 20.34 -15.62 0.35
CA ILE A 95 20.19 -14.47 1.29
C ILE A 95 19.35 -13.42 0.58
N LEU A 96 18.38 -12.85 1.29
CA LEU A 96 17.49 -11.75 0.80
C LEU A 96 18.05 -10.41 1.27
N HIS A 97 18.40 -9.56 0.31
CA HIS A 97 18.76 -8.14 0.55
C HIS A 97 17.56 -7.29 0.14
N VAL A 98 17.02 -6.52 1.07
CA VAL A 98 15.95 -5.54 0.77
C VAL A 98 16.54 -4.14 0.97
N SER A 99 16.36 -3.26 -0.02
CA SER A 99 16.79 -1.85 0.00
C SER A 99 15.61 -0.94 -0.31
N ALA A 100 15.60 0.25 0.31
CA ALA A 100 14.71 1.36 -0.01
C ALA A 100 15.59 2.59 -0.26
N LYS A 101 15.55 3.13 -1.47
CA LYS A 101 16.31 4.32 -1.90
C LYS A 101 15.33 5.43 -2.27
N ASP A 102 15.49 6.60 -1.65
CA ASP A 102 14.80 7.87 -2.03
C ASP A 102 15.50 8.40 -3.28
N LYS A 103 14.80 8.46 -4.41
CA LYS A 103 15.41 8.85 -5.70
C LYS A 103 15.70 10.36 -5.73
N ASN A 104 15.04 11.18 -4.89
CA ASN A 104 15.40 12.61 -4.67
C ASN A 104 16.64 12.66 -3.79
N SER A 105 16.46 12.39 -2.49
CA SER A 105 17.46 12.65 -1.42
C SER A 105 18.61 11.65 -1.51
N GLY A 106 18.54 10.69 -2.45
CA GLY A 106 19.55 9.63 -2.67
C GLY A 106 19.78 8.70 -1.48
N LYS A 107 19.14 8.94 -0.33
CA LYS A 107 19.34 8.15 0.93
C LYS A 107 18.93 6.68 0.72
N GLU A 108 19.62 5.76 1.41
CA GLU A 108 19.40 4.30 1.31
C GLU A 108 19.39 3.67 2.70
N GLN A 109 18.49 2.70 2.92
CA GLN A 109 18.46 1.81 4.10
C GLN A 109 18.18 0.39 3.60
N LYS A 110 18.82 -0.58 4.23
CA LYS A 110 18.75 -2.01 3.85
C LYS A 110 18.46 -2.83 5.09
N ILE A 111 17.87 -4.01 4.88
CA ILE A 111 17.87 -5.14 5.86
C ILE A 111 18.36 -6.37 5.10
N THR A 112 19.17 -7.20 5.76
CA THR A 112 19.65 -8.48 5.21
C THR A 112 18.94 -9.59 5.99
N ILE A 113 18.37 -10.56 5.28
CA ILE A 113 17.57 -11.66 5.88
C ILE A 113 18.24 -12.97 5.49
N LYS A 114 18.75 -13.73 6.46
CA LYS A 114 19.43 -15.03 6.25
C LYS A 114 18.50 -15.99 5.50
N ALA A 115 19.09 -16.92 4.75
CA ALA A 115 18.41 -17.96 3.94
C ALA A 115 17.49 -18.82 4.83
N SER A 116 17.70 -18.82 6.16
CA SER A 116 17.08 -19.73 7.15
C SER A 116 15.89 -19.04 7.82
N SER A 117 15.75 -17.72 7.66
CA SER A 117 14.64 -16.95 8.24
C SER A 117 13.33 -17.46 7.64
N GLY A 118 12.21 -17.13 8.29
CA GLY A 118 10.87 -17.33 7.74
C GLY A 118 10.32 -18.69 8.13
N LEU A 119 9.40 -19.20 7.33
CA LEU A 119 8.51 -20.33 7.69
C LEU A 119 9.19 -21.65 7.32
N ASN A 120 9.08 -22.65 8.21
CA ASN A 120 9.65 -24.01 8.01
C ASN A 120 8.79 -24.77 6.99
N GLU A 121 9.30 -25.89 6.47
CA GLU A 121 8.66 -26.69 5.40
C GLU A 121 7.17 -26.92 5.71
N ASP A 122 6.82 -27.20 6.97
CA ASP A 122 5.42 -27.49 7.40
C ASP A 122 4.58 -26.22 7.27
N GLU A 123 4.93 -25.17 8.04
CA GLU A 123 4.28 -23.83 8.02
C GLU A 123 4.05 -23.36 6.59
N ILE A 124 4.96 -23.67 5.66
CA ILE A 124 4.80 -23.27 4.23
C ILE A 124 3.53 -23.93 3.68
N GLN A 125 3.36 -25.23 3.88
CA GLN A 125 2.19 -25.98 3.38
C GLN A 125 0.92 -25.47 4.10
N LYS A 126 1.00 -25.20 5.41
CA LYS A 126 -0.14 -24.65 6.20
C LYS A 126 -0.56 -23.27 5.65
N MET A 127 0.44 -22.44 5.30
CA MET A 127 0.26 -21.10 4.67
C MET A 127 -0.39 -21.28 3.30
N VAL A 128 0.11 -22.19 2.45
CA VAL A 128 -0.41 -22.43 1.07
C VAL A 128 -1.86 -22.94 1.15
N ARG A 129 -2.16 -23.68 2.21
CA ARG A 129 -3.46 -24.32 2.52
C ARG A 129 -4.46 -23.23 2.88
N ASP A 130 -4.05 -22.33 3.78
CA ASP A 130 -4.82 -21.15 4.23
C ASP A 130 -5.09 -20.21 3.05
N ALA A 131 -4.10 -19.93 2.20
CA ALA A 131 -4.29 -19.02 1.04
C ALA A 131 -5.58 -19.46 0.33
N GLU A 132 -5.63 -20.74 -0.07
CA GLU A 132 -6.73 -21.32 -0.89
C GLU A 132 -7.99 -21.45 -0.01
N ALA A 133 -7.86 -21.78 1.27
CA ALA A 133 -8.99 -21.89 2.23
C ALA A 133 -9.68 -20.52 2.41
N ASN A 134 -8.91 -19.44 2.61
CA ASN A 134 -9.43 -18.10 2.94
C ASN A 134 -9.36 -17.20 1.69
N ALA A 135 -9.48 -17.77 0.48
CA ALA A 135 -9.31 -17.04 -0.80
C ALA A 135 -10.43 -16.01 -1.00
N GLU A 136 -11.68 -16.38 -0.71
CA GLU A 136 -12.90 -15.53 -0.85
C GLU A 136 -12.76 -14.35 0.11
N ALA A 137 -12.39 -14.62 1.37
CA ALA A 137 -12.22 -13.61 2.43
C ALA A 137 -11.12 -12.63 2.04
N ASP A 138 -10.02 -13.12 1.46
CA ASP A 138 -8.87 -12.30 0.99
C ASP A 138 -9.28 -11.43 -0.19
N ARG A 139 -10.12 -11.93 -1.11
CA ARG A 139 -10.68 -11.07 -2.18
C ARG A 139 -11.49 -9.94 -1.53
N LYS A 140 -12.44 -10.28 -0.66
CA LYS A 140 -13.34 -9.28 -0.05
C LYS A 140 -12.48 -8.22 0.65
N PHE A 141 -11.44 -8.62 1.37
CA PHE A 141 -10.57 -7.68 2.11
C PHE A 141 -9.86 -6.77 1.10
N GLU A 142 -9.41 -7.34 0.00
CA GLU A 142 -8.64 -6.65 -1.07
C GLU A 142 -9.51 -5.52 -1.65
N GLU A 143 -10.77 -5.79 -1.99
CA GLU A 143 -11.64 -4.78 -2.63
C GLU A 143 -12.19 -3.78 -1.59
N LEU A 144 -12.18 -4.11 -0.29
CA LEU A 144 -12.45 -3.11 0.79
C LEU A 144 -11.29 -2.12 0.88
N VAL A 145 -10.04 -2.60 0.77
CA VAL A 145 -8.81 -1.76 0.87
C VAL A 145 -8.73 -0.87 -0.37
N GLN A 146 -9.05 -1.42 -1.53
CA GLN A 146 -9.17 -0.68 -2.81
C GLN A 146 -10.21 0.45 -2.61
N THR A 147 -11.45 0.09 -2.23
CA THR A 147 -12.55 1.05 -1.98
C THR A 147 -12.05 2.14 -1.03
N ARG A 148 -11.43 1.75 0.08
CA ARG A 148 -10.94 2.65 1.15
C ARG A 148 -9.91 3.64 0.62
N ASN A 149 -9.00 3.17 -0.22
CA ASN A 149 -7.92 4.02 -0.78
C ASN A 149 -8.52 4.94 -1.84
N GLN A 150 -9.53 4.49 -2.59
CA GLN A 150 -10.26 5.37 -3.54
C GLN A 150 -10.98 6.49 -2.76
N GLY A 151 -11.68 6.15 -1.68
CA GLY A 151 -12.37 7.15 -0.85
C GLY A 151 -11.40 8.15 -0.23
N ASP A 152 -10.26 7.66 0.24
CA ASP A 152 -9.19 8.48 0.86
C ASP A 152 -8.61 9.41 -0.22
N HIS A 153 -8.35 8.90 -1.41
CA HIS A 153 -7.91 9.73 -2.56
C HIS A 153 -8.97 10.80 -2.88
N LEU A 154 -10.25 10.42 -2.91
CA LEU A 154 -11.33 11.39 -3.22
C LEU A 154 -11.41 12.46 -2.12
N LEU A 155 -11.36 12.06 -0.84
CA LEU A 155 -11.36 12.98 0.32
C LEU A 155 -10.24 14.02 0.14
N HIS A 156 -8.99 13.55 0.00
CA HIS A 156 -7.78 14.41 -0.04
C HIS A 156 -7.83 15.30 -1.30
N SER A 157 -8.13 14.74 -2.47
CA SER A 157 -8.15 15.52 -3.73
C SER A 157 -9.26 16.57 -3.66
N THR A 158 -10.38 16.26 -3.00
CA THR A 158 -11.53 17.21 -2.94
C THR A 158 -11.16 18.38 -2.02
N ARG A 159 -10.64 18.13 -0.82
CA ARG A 159 -10.15 19.20 0.09
C ARG A 159 -9.16 20.11 -0.63
N LYS A 160 -8.17 19.55 -1.32
CA LYS A 160 -7.19 20.30 -2.17
C LYS A 160 -7.97 21.22 -3.12
N GLN A 161 -8.94 20.68 -3.85
CA GLN A 161 -9.70 21.42 -4.90
C GLN A 161 -10.64 22.47 -4.28
N VAL A 162 -11.24 22.23 -3.11
CA VAL A 162 -12.06 23.24 -2.38
C VAL A 162 -11.19 24.48 -2.11
N GLU A 163 -9.92 24.27 -1.74
CA GLU A 163 -8.97 25.34 -1.36
C GLU A 163 -8.53 26.12 -2.61
N GLU A 164 -7.92 25.48 -3.60
CA GLU A 164 -7.57 26.11 -4.91
C GLU A 164 -8.77 26.90 -5.44
N ALA A 165 -10.01 26.46 -5.18
CA ALA A 165 -11.24 27.08 -5.68
C ALA A 165 -11.55 28.41 -4.95
N GLY A 166 -11.28 28.50 -3.65
CA GLY A 166 -11.66 29.66 -2.81
C GLY A 166 -13.04 30.18 -3.17
N ASP A 167 -13.15 31.48 -3.49
CA ASP A 167 -14.44 32.21 -3.70
C ASP A 167 -15.18 31.72 -4.95
N LYS A 168 -14.50 31.07 -5.92
CA LYS A 168 -15.09 30.60 -7.21
C LYS A 168 -16.29 29.65 -6.94
N LEU A 169 -16.35 29.02 -5.77
CA LEU A 169 -17.35 27.96 -5.42
C LEU A 169 -18.53 28.58 -4.68
N PRO A 170 -19.76 28.50 -5.21
CA PRO A 170 -20.95 28.92 -4.46
C PRO A 170 -20.97 28.37 -3.03
N ALA A 171 -21.43 29.20 -2.08
CA ALA A 171 -21.64 28.83 -0.65
C ALA A 171 -22.42 27.51 -0.56
N ASP A 172 -23.53 27.40 -1.30
CA ASP A 172 -24.46 26.23 -1.31
C ASP A 172 -23.66 24.96 -1.64
N ASP A 173 -22.88 24.99 -2.72
CA ASP A 173 -22.00 23.86 -3.13
C ASP A 173 -21.01 23.57 -1.99
N LYS A 174 -20.43 24.59 -1.37
CA LYS A 174 -19.35 24.38 -0.37
C LYS A 174 -19.92 23.69 0.88
N THR A 175 -21.04 24.18 1.42
CA THR A 175 -21.74 23.55 2.56
C THR A 175 -22.00 22.06 2.26
N ALA A 176 -22.52 21.77 1.07
CA ALA A 176 -22.97 20.42 0.66
C ALA A 176 -21.74 19.50 0.55
N ILE A 177 -20.69 19.98 -0.13
CA ILE A 177 -19.41 19.27 -0.33
C ILE A 177 -18.72 19.05 1.03
N GLU A 178 -18.66 20.08 1.89
CA GLU A 178 -18.06 20.03 3.26
C GLU A 178 -18.74 18.96 4.12
N SER A 179 -20.08 18.91 4.12
CA SER A 179 -20.88 17.90 4.85
C SER A 179 -20.53 16.48 4.36
N ALA A 180 -20.45 16.31 3.02
CA ALA A 180 -20.18 15.01 2.38
C ALA A 180 -18.77 14.53 2.74
N LEU A 181 -17.80 15.45 2.80
CA LEU A 181 -16.38 15.10 3.10
C LEU A 181 -16.29 14.63 4.56
N THR A 182 -16.94 15.34 5.48
CA THR A 182 -17.06 14.94 6.91
C THR A 182 -17.63 13.52 7.00
N ALA A 183 -18.72 13.27 6.27
CA ALA A 183 -19.44 11.97 6.29
C ALA A 183 -18.53 10.87 5.69
N LEU A 184 -17.79 11.20 4.62
CA LEU A 184 -16.85 10.24 3.97
C LEU A 184 -15.67 9.94 4.92
N GLU A 185 -15.09 10.95 5.56
CA GLU A 185 -13.98 10.79 6.54
C GLU A 185 -14.40 9.81 7.64
N THR A 186 -15.61 9.99 8.18
CA THR A 186 -16.19 9.14 9.26
C THR A 186 -16.26 7.69 8.79
N ALA A 187 -16.82 7.47 7.59
CA ALA A 187 -17.07 6.12 7.02
C ALA A 187 -15.75 5.44 6.67
N LEU A 188 -14.72 6.21 6.31
CA LEU A 188 -13.38 5.65 6.00
C LEU A 188 -12.78 5.01 7.26
N LYS A 189 -13.12 5.52 8.45
CA LYS A 189 -12.72 4.91 9.76
C LYS A 189 -13.28 3.49 9.88
N GLY A 190 -14.52 3.27 9.43
CA GLY A 190 -15.26 2.01 9.60
C GLY A 190 -14.75 0.89 8.73
N GLU A 191 -15.58 -0.13 8.55
CA GLU A 191 -15.25 -1.42 7.89
C GLU A 191 -16.27 -1.69 6.77
N ASP A 192 -17.24 -0.80 6.61
CA ASP A 192 -18.45 -1.04 5.78
C ASP A 192 -18.19 -0.48 4.38
N LYS A 193 -17.87 -1.38 3.45
CA LYS A 193 -17.53 -1.04 2.04
C LYS A 193 -18.68 -0.25 1.40
N ALA A 194 -19.92 -0.67 1.66
CA ALA A 194 -21.16 -0.07 1.11
C ALA A 194 -21.28 1.38 1.56
N ALA A 195 -20.99 1.65 2.84
CA ALA A 195 -21.12 2.99 3.47
C ALA A 195 -20.05 3.92 2.87
N ILE A 196 -18.85 3.41 2.61
CA ILE A 196 -17.80 4.23 1.96
C ILE A 196 -18.31 4.63 0.55
N GLU A 197 -18.73 3.65 -0.24
CA GLU A 197 -19.23 3.89 -1.63
C GLU A 197 -20.44 4.84 -1.60
N ALA A 198 -21.26 4.80 -0.56
CA ALA A 198 -22.46 5.67 -0.42
C ALA A 198 -21.98 7.11 -0.22
N LYS A 199 -20.98 7.32 0.65
CA LYS A 199 -20.41 8.67 0.92
C LYS A 199 -19.63 9.17 -0.29
N MET A 200 -18.95 8.27 -0.99
CA MET A 200 -18.26 8.62 -2.27
C MET A 200 -19.30 9.09 -3.28
N GLN A 201 -20.45 8.43 -3.31
CA GLN A 201 -21.55 8.74 -4.27
C GLN A 201 -22.15 10.10 -3.88
N GLU A 202 -22.40 10.31 -2.60
CA GLU A 202 -22.95 11.63 -2.15
C GLU A 202 -22.01 12.74 -2.63
N LEU A 203 -20.71 12.60 -2.36
CA LEU A 203 -19.69 13.64 -2.70
C LEU A 203 -19.71 13.90 -4.20
N ALA A 204 -19.86 12.87 -5.04
CA ALA A 204 -19.84 12.98 -6.53
C ALA A 204 -21.11 13.67 -7.05
N GLN A 205 -22.23 13.47 -6.36
CA GLN A 205 -23.56 14.03 -6.73
C GLN A 205 -23.57 15.53 -6.44
N VAL A 206 -22.87 15.97 -5.37
CA VAL A 206 -22.88 17.37 -4.89
C VAL A 206 -21.66 18.17 -5.41
N SER A 207 -20.69 17.55 -6.08
CA SER A 207 -19.35 18.13 -6.34
C SER A 207 -19.25 18.67 -7.78
N GLN A 208 -20.29 18.52 -8.59
CA GLN A 208 -20.24 18.78 -10.05
C GLN A 208 -19.69 20.19 -10.33
N LYS A 209 -20.07 21.22 -9.56
CA LYS A 209 -19.63 22.62 -9.84
C LYS A 209 -18.12 22.74 -9.55
N LEU A 210 -17.69 22.22 -8.39
CA LEU A 210 -16.28 22.13 -7.95
C LEU A 210 -15.43 21.44 -9.05
N MET A 211 -15.92 20.35 -9.64
CA MET A 211 -15.21 19.60 -10.72
C MET A 211 -15.07 20.49 -11.96
N GLU A 212 -16.07 21.33 -12.25
CA GLU A 212 -16.03 22.28 -13.40
C GLU A 212 -14.92 23.29 -13.13
N ILE A 213 -14.91 23.86 -11.93
CA ILE A 213 -13.95 24.92 -11.47
C ILE A 213 -12.53 24.36 -11.51
N ALA A 214 -12.28 23.18 -10.94
CA ALA A 214 -10.97 22.48 -11.02
C ALA A 214 -10.54 22.33 -12.48
N GLN A 215 -11.48 22.31 -13.44
CA GLN A 215 -11.26 22.44 -14.92
C GLN A 215 -9.86 21.94 -15.29
N PRO B 4 0.24 1.60 -3.98
CA PRO B 4 1.70 1.78 -4.07
C PRO B 4 2.25 2.74 -3.00
N LEU B 5 1.53 2.90 -1.88
CA LEU B 5 1.93 3.88 -0.84
C LEU B 5 2.31 3.13 0.45
N LEU B 6 3.21 3.71 1.24
CA LEU B 6 3.72 3.16 2.53
C LEU B 6 3.50 4.16 3.67
N GLY B 7 3.09 3.67 4.85
CA GLY B 7 2.84 4.49 6.05
C GLY B 7 4.07 4.61 6.92
#